data_8XWU
#
_entry.id   8XWU
#
_cell.length_a   61.873
_cell.length_b   69.404
_cell.length_c   88.670
_cell.angle_alpha   90.000
_cell.angle_beta   90.000
_cell.angle_gamma   90.000
#
_symmetry.space_group_name_H-M   'P 21 21 21'
#
loop_
_entity.id
_entity.type
_entity.pdbx_description
1 polymer "DNA (5'-D(*AP*GP*CP*GP*TP*CP*CP*A)-3')"
2 polymer "DNA (5'-D(P*GP*GP*TP*AP*GP*AP*CP*CP*TP*GP*GP*AP*CP*GP*C)-3')"
3 polymer 'N-glycosylase/DNA lyase'
4 polymer "DNA (5'-D(P*GP*TP*CP*TP*AP*CP*C)-3')"
5 non-polymer '[(2~{R},3~{S},5~{S})-5-[2-azanyl-6,8-bis(oxidanylidene)-1,7-dihydropurin-9-yl]-2,3,5-tris(oxidanyl)pentyl] dihydrogen phosphate'
6 non-polymer 'MAGNESIUM ION'
7 non-polymer GLYCEROL
8 water water
#
loop_
_entity_poly.entity_id
_entity_poly.type
_entity_poly.pdbx_seq_one_letter_code
_entity_poly.pdbx_strand_id
1 'polydeoxyribonucleotide' (DA)(DG)(DC)(DG)(DT)(DC)(DC)(DA) C
2 'polydeoxyribonucleotide' (DG)(DG)(DT)(DA)(DG)(DA)(DC)(DC)(DT)(DG)(DG)(DA)(DC)(DG)(DC) D
3 'polypeptide(L)'
;GPGHRTLASTPALWASIPCPRSELRLDLVLPSGQSFRWREQSPAHWSGVLADQVWTLTQTEEQLHCTVYRGDKSQASRPT
PDELEAVRKYFQLDVTLAQLYHHWGSVDSHFQEVAQKFQGVRLLRQDPIECLFSFICSSNNNIARITGMVERLCQAFGPR
LIQLDDVTYHGFPSLQALAGPEVEAHLRKLGLGYRARYVSASARAILEEQGGLAWLQQLRESSYEEAHKALCILPGVGTH
VADCICLMALDKPQAVPVDVHMWHIAQRDYSWHPTTSQAKGPSPQTNKELGNFFRSLWGPYAGWAQAVLFSADLRQSRHA
QEPPAKRRKGSKGPEG
;
A
4 'polydeoxyribonucleotide' (DG)(DT)(DC)(DT)(DA)(DC)(DC) B
#
# COMPACT_ATOMS: atom_id res chain seq x y z
N GLY C 1 -11.66 17.97 -18.32
CA GLY C 1 -12.04 18.54 -17.03
C GLY C 1 -11.00 19.54 -16.52
N PRO C 2 -11.31 20.22 -15.40
CA PRO C 2 -10.34 21.15 -14.79
C PRO C 2 -8.95 20.55 -14.66
N GLY C 3 -7.93 21.40 -14.58
CA GLY C 3 -6.57 20.90 -14.59
C GLY C 3 -6.14 20.34 -13.25
N HIS C 4 -5.24 19.36 -13.30
CA HIS C 4 -4.47 18.98 -12.13
C HIS C 4 -3.66 20.19 -11.64
N ARG C 5 -3.71 20.43 -10.33
CA ARG C 5 -3.08 21.62 -9.76
C ARG C 5 -1.60 21.45 -9.48
N THR C 6 -0.83 22.54 -9.59
CA THR C 6 0.49 22.58 -8.98
C THR C 6 0.52 23.62 -7.87
N LEU C 7 1.42 23.40 -6.91
CA LEU C 7 1.51 24.22 -5.71
C LEU C 7 1.89 25.66 -6.07
N ALA C 8 2.91 25.80 -6.93
CA ALA C 8 3.40 27.13 -7.26
C ALA C 8 2.38 27.93 -8.03
N SER C 9 1.50 27.25 -8.75
CA SER C 9 0.56 27.93 -9.65
C SER C 9 -0.77 28.27 -8.98
N THR C 10 -1.21 27.45 -8.01
CA THR C 10 -2.47 27.71 -7.33
C THR C 10 -2.32 27.76 -5.81
N PRO C 11 -1.44 28.61 -5.27
CA PRO C 11 -1.10 28.46 -3.85
C PRO C 11 -2.29 28.62 -2.93
N ALA C 12 -3.33 29.35 -3.34
CA ALA C 12 -4.48 29.58 -2.47
C ALA C 12 -5.24 28.30 -2.18
N LEU C 13 -5.04 27.28 -2.99
CA LEU C 13 -5.81 26.04 -2.91
C LEU C 13 -5.06 24.94 -2.17
N TRP C 14 -3.90 25.25 -1.56
CA TRP C 14 -3.10 24.25 -0.87
C TRP C 14 -2.95 24.57 0.62
N ALA C 15 -2.73 23.52 1.39
CA ALA C 15 -2.39 23.68 2.80
C ALA C 15 -1.31 22.67 3.12
N SER C 16 -0.53 22.96 4.15
CA SER C 16 0.62 22.14 4.47
C SER C 16 0.44 21.35 5.77
N ILE C 17 1.21 20.27 5.83
CA ILE C 17 1.35 19.43 7.02
C ILE C 17 2.84 19.40 7.36
N PRO C 18 3.23 19.64 8.61
CA PRO C 18 4.66 19.51 8.96
C PRO C 18 5.19 18.13 8.65
N CYS C 19 6.21 18.06 7.82
CA CYS C 19 6.66 16.76 7.34
C CYS C 19 7.97 16.90 6.59
N PRO C 20 9.10 16.74 7.26
CA PRO C 20 10.38 16.87 6.55
C PRO C 20 10.61 15.67 5.63
N ARG C 21 11.47 15.88 4.62
CA ARG C 21 11.80 14.83 3.66
CA ARG C 21 11.74 14.81 3.67
C ARG C 21 12.40 13.60 4.34
N SER C 22 13.05 13.77 5.50
CA SER C 22 13.51 12.59 6.24
C SER C 22 12.36 11.69 6.72
N GLU C 23 11.16 12.23 6.85
CA GLU C 23 10.03 11.43 7.26
C GLU C 23 9.25 10.86 6.09
N LEU C 24 9.41 11.41 4.89
CA LEU C 24 8.56 10.96 3.78
C LEU C 24 9.15 11.42 2.46
N ARG C 25 9.25 10.49 1.51
CA ARG C 25 9.60 10.80 0.12
C ARG C 25 8.46 10.26 -0.75
N LEU C 26 7.58 11.14 -1.24
CA LEU C 26 6.44 10.66 -2.03
C LEU C 26 6.92 9.78 -3.19
N ASP C 27 8.03 10.18 -3.84
CA ASP C 27 8.48 9.48 -5.04
C ASP C 27 9.03 8.12 -4.72
N LEU C 28 9.40 7.87 -3.47
CA LEU C 28 9.85 6.53 -3.09
C LEU C 28 8.77 5.68 -2.42
N VAL C 29 7.60 6.26 -2.10
CA VAL C 29 6.49 5.54 -1.49
C VAL C 29 5.36 5.26 -2.48
N LEU C 30 4.86 6.30 -3.15
CA LEU C 30 3.58 6.16 -3.87
C LEU C 30 3.64 5.29 -5.12
N PRO C 31 4.77 5.18 -5.83
CA PRO C 31 4.80 4.26 -6.96
C PRO C 31 5.48 2.93 -6.69
N SER C 32 5.70 2.57 -5.43
CA SER C 32 6.54 1.44 -5.06
C SER C 32 5.79 0.17 -4.72
N GLY C 33 4.52 0.07 -5.07
CA GLY C 33 3.78 -1.15 -4.87
C GLY C 33 3.09 -1.28 -3.53
N GLN C 34 2.85 -0.18 -2.79
CA GLN C 34 1.97 -0.24 -1.61
C GLN C 34 0.54 0.06 -2.04
N SER C 35 0.31 1.30 -2.48
CA SER C 35 -0.91 1.70 -3.18
C SER C 35 -0.65 1.71 -4.68
N PHE C 36 -1.63 1.26 -5.46
CA PHE C 36 -1.48 1.28 -6.91
C PHE C 36 -2.22 2.45 -7.55
N ARG C 37 -2.66 3.43 -6.77
CA ARG C 37 -3.62 4.41 -7.28
C ARG C 37 -3.10 5.84 -7.37
N TRP C 38 -1.80 6.05 -7.32
CA TRP C 38 -1.21 7.38 -7.38
C TRP C 38 -0.48 7.54 -8.71
N ARG C 39 -0.54 8.74 -9.28
CA ARG C 39 0.13 9.07 -10.54
C ARG C 39 0.73 10.46 -10.41
N GLU C 40 1.95 10.60 -10.93
CA GLU C 40 2.68 11.86 -10.97
C GLU C 40 2.25 12.62 -12.22
N GLN C 41 1.06 13.25 -12.14
CA GLN C 41 0.49 13.90 -13.32
C GLN C 41 1.18 15.22 -13.68
N SER C 42 1.89 15.85 -12.75
CA SER C 42 2.81 16.96 -12.97
C SER C 42 4.11 16.63 -12.27
N PRO C 43 5.23 17.13 -12.75
CA PRO C 43 6.49 16.81 -12.06
C PRO C 43 6.41 17.13 -10.59
N ALA C 44 6.71 16.11 -9.76
CA ALA C 44 6.75 16.19 -8.31
C ALA C 44 5.39 16.30 -7.65
N HIS C 45 4.31 16.13 -8.41
CA HIS C 45 2.95 16.27 -7.88
C HIS C 45 2.21 14.96 -8.09
N TRP C 46 1.70 14.38 -7.01
CA TRP C 46 1.11 13.05 -7.08
C TRP C 46 -0.38 13.13 -6.82
N SER C 47 -1.18 12.59 -7.74
CA SER C 47 -2.63 12.68 -7.63
C SER C 47 -3.24 11.29 -7.49
N GLY C 48 -4.30 11.21 -6.68
CA GLY C 48 -4.94 9.92 -6.42
C GLY C 48 -6.11 10.11 -5.47
N VAL C 49 -6.80 9.00 -5.17
CA VAL C 49 -8.04 9.03 -4.38
C VAL C 49 -7.70 8.67 -2.95
N LEU C 50 -8.07 9.53 -2.01
CA LEU C 50 -7.73 9.37 -0.61
C LEU C 50 -8.99 9.75 0.17
N ALA C 51 -9.67 8.74 0.71
CA ALA C 51 -10.90 8.92 1.49
C ALA C 51 -12.01 9.53 0.63
N ASP C 52 -12.37 8.83 -0.45
CA ASP C 52 -13.48 9.16 -1.35
C ASP C 52 -13.30 10.47 -2.13
N GLN C 53 -12.13 11.09 -2.07
CA GLN C 53 -11.90 12.34 -2.80
C GLN C 53 -10.55 12.28 -3.51
N VAL C 54 -10.41 13.05 -4.58
CA VAL C 54 -9.14 13.17 -5.29
C VAL C 54 -8.30 14.23 -4.59
N TRP C 55 -7.03 13.94 -4.44
CA TRP C 55 -6.05 14.83 -3.83
C TRP C 55 -4.83 14.91 -4.74
N THR C 56 -4.15 16.06 -4.72
CA THR C 56 -2.79 16.14 -5.23
C THR C 56 -1.88 16.49 -4.07
N LEU C 57 -0.69 15.85 -4.05
CA LEU C 57 0.30 15.98 -2.98
C LEU C 57 1.62 16.37 -3.59
N THR C 58 2.34 17.25 -2.90
CA THR C 58 3.70 17.59 -3.31
C THR C 58 4.49 18.03 -2.10
N GLN C 59 5.80 17.92 -2.15
CA GLN C 59 6.56 18.24 -0.96
C GLN C 59 7.52 19.39 -1.18
N THR C 60 7.73 20.15 -0.13
CA THR C 60 8.92 20.98 0.01
C THR C 60 9.76 20.38 1.14
N GLU C 61 10.90 21.00 1.42
CA GLU C 61 11.87 20.37 2.30
C GLU C 61 11.29 20.01 3.66
N GLU C 62 10.37 20.81 4.20
CA GLU C 62 9.89 20.57 5.55
C GLU C 62 8.39 20.37 5.63
N GLN C 63 7.68 20.33 4.50
CA GLN C 63 6.23 20.30 4.53
C GLN C 63 5.70 19.41 3.42
N LEU C 64 4.62 18.68 3.74
CA LEU C 64 3.79 18.00 2.76
C LEU C 64 2.63 18.93 2.38
N HIS C 65 2.53 19.31 1.11
CA HIS C 65 1.51 20.25 0.66
C HIS C 65 0.40 19.46 0.00
N CYS C 66 -0.84 19.81 0.33
CA CYS C 66 -2.01 19.04 -0.10
C CYS C 66 -3.06 19.95 -0.70
N THR C 67 -3.80 19.42 -1.67
CA THR C 67 -4.94 20.09 -2.27
C THR C 67 -6.00 19.04 -2.56
N VAL C 68 -7.28 19.42 -2.42
CA VAL C 68 -8.35 18.44 -2.57
C VAL C 68 -9.36 18.94 -3.59
N TYR C 69 -9.87 18.04 -4.40
CA TYR C 69 -10.87 18.37 -5.41
C TYR C 69 -12.15 17.69 -4.96
N ARG C 70 -13.07 18.48 -4.44
CA ARG C 70 -14.21 17.90 -3.72
C ARG C 70 -15.28 17.40 -4.68
N GLY C 71 -15.42 18.02 -5.84
CA GLY C 71 -16.32 17.51 -6.87
C GLY C 71 -17.74 17.33 -6.40
N ASP C 72 -18.22 18.23 -5.54
CA ASP C 72 -19.63 18.33 -5.21
C ASP C 72 -20.17 19.68 -5.66
N LYS C 73 -19.60 20.21 -6.74
CA LYS C 73 -20.00 21.52 -7.28
C LYS C 73 -19.93 22.60 -6.20
N SER C 74 -18.91 22.51 -5.34
CA SER C 74 -18.62 23.56 -4.38
C SER C 74 -17.45 24.40 -4.88
N GLN C 75 -17.27 25.57 -4.25
CA GLN C 75 -16.23 26.50 -4.66
C GLN C 75 -14.86 25.96 -4.25
N ALA C 76 -13.85 26.23 -5.06
CA ALA C 76 -12.52 25.71 -4.73
C ALA C 76 -12.01 26.37 -3.46
N SER C 77 -11.36 25.59 -2.60
CA SER C 77 -10.72 26.17 -1.44
C SER C 77 -9.68 25.19 -0.94
N ARG C 78 -8.75 25.68 -0.13
CA ARG C 78 -7.72 24.80 0.42
C ARG C 78 -8.32 23.75 1.35
N PRO C 79 -7.61 22.64 1.56
CA PRO C 79 -8.11 21.62 2.48
C PRO C 79 -8.28 22.21 3.88
N THR C 80 -9.31 21.73 4.60
CA THR C 80 -9.51 22.12 5.99
C THR C 80 -8.63 21.30 6.93
N PRO C 81 -8.46 21.74 8.17
CA PRO C 81 -7.72 20.90 9.11
C PRO C 81 -8.31 19.52 9.25
N ASP C 82 -9.64 19.38 9.29
CA ASP C 82 -10.21 18.03 9.38
C ASP C 82 -9.87 17.20 8.14
N GLU C 83 -9.91 17.82 6.96
CA GLU C 83 -9.56 17.08 5.75
C GLU C 83 -8.08 16.66 5.79
N LEU C 84 -7.20 17.55 6.26
CA LEU C 84 -5.78 17.22 6.31
C LEU C 84 -5.52 16.06 7.25
N GLU C 85 -6.34 15.88 8.28
CA GLU C 85 -6.12 14.79 9.22
CA GLU C 85 -6.11 14.78 9.22
C GLU C 85 -6.20 13.44 8.51
N ALA C 86 -7.03 13.33 7.47
CA ALA C 86 -7.07 12.09 6.71
C ALA C 86 -5.74 11.82 6.03
N VAL C 87 -5.11 12.87 5.48
CA VAL C 87 -3.78 12.69 4.87
C VAL C 87 -2.76 12.29 5.93
N ARG C 88 -2.81 12.97 7.08
CA ARG C 88 -1.90 12.64 8.16
CA ARG C 88 -1.90 12.64 8.18
C ARG C 88 -2.02 11.18 8.55
N LYS C 89 -3.26 10.69 8.64
CA LYS C 89 -3.47 9.31 9.04
C LYS C 89 -3.03 8.33 7.96
N TYR C 90 -3.32 8.66 6.69
CA TYR C 90 -2.89 7.81 5.59
C TYR C 90 -1.37 7.60 5.59
N PHE C 91 -0.58 8.65 5.89
CA PHE C 91 0.88 8.48 5.94
C PHE C 91 1.36 8.11 7.34
N GLN C 92 0.46 7.91 8.30
CA GLN C 92 0.83 7.45 9.64
C GLN C 92 1.90 8.36 10.23
N LEU C 93 1.69 9.68 10.13
CA LEU C 93 2.79 10.58 10.46
C LEU C 93 3.07 10.65 11.96
N ASP C 94 2.22 10.07 12.80
CA ASP C 94 2.54 9.96 14.22
C ASP C 94 3.72 9.03 14.49
N VAL C 95 4.07 8.18 13.54
CA VAL C 95 5.26 7.32 13.67
C VAL C 95 6.46 8.09 13.14
N THR C 96 7.52 8.13 13.93
N THR C 96 7.48 8.25 13.96
CA THR C 96 8.72 8.89 13.59
CA THR C 96 8.67 8.97 13.50
C THR C 96 9.68 7.96 12.85
C THR C 96 9.60 7.97 12.84
N LEU C 97 9.81 8.15 11.54
CA LEU C 97 10.56 7.18 10.74
C LEU C 97 12.06 7.26 11.00
N ALA C 98 12.59 8.45 11.30
CA ALA C 98 14.03 8.58 11.49
C ALA C 98 14.53 7.68 12.62
N GLN C 99 13.72 7.53 13.67
CA GLN C 99 14.14 6.68 14.77
C GLN C 99 14.07 5.20 14.41
N LEU C 100 13.10 4.78 13.61
CA LEU C 100 13.11 3.42 13.11
C LEU C 100 14.33 3.16 12.23
N TYR C 101 14.61 4.07 11.29
CA TYR C 101 15.80 3.93 10.45
C TYR C 101 17.07 3.81 11.28
N HIS C 102 17.18 4.57 12.36
CA HIS C 102 18.37 4.44 13.19
CA HIS C 102 18.36 4.45 13.21
C HIS C 102 18.45 3.06 13.83
N HIS C 103 17.32 2.54 14.32
CA HIS C 103 17.36 1.21 14.95
C HIS C 103 17.69 0.14 13.91
N TRP C 104 16.98 0.16 12.77
CA TRP C 104 17.23 -0.86 11.75
C TRP C 104 18.67 -0.80 11.27
N GLY C 105 19.20 0.41 11.07
CA GLY C 105 20.59 0.52 10.64
C GLY C 105 21.55 0.03 11.70
N SER C 106 21.19 0.21 12.98
CA SER C 106 22.08 -0.20 14.06
CA SER C 106 22.10 -0.20 14.05
C SER C 106 22.20 -1.71 14.15
N VAL C 107 21.13 -2.45 13.83
CA VAL C 107 21.20 -3.90 13.88
C VAL C 107 21.60 -4.53 12.56
N ASP C 108 21.71 -3.76 11.50
CA ASP C 108 21.81 -4.32 10.15
C ASP C 108 22.58 -3.31 9.30
N SER C 109 23.89 -3.55 9.11
N SER C 109 23.89 -3.55 9.11
CA SER C 109 24.70 -2.59 8.35
CA SER C 109 24.71 -2.60 8.37
C SER C 109 24.31 -2.54 6.89
C SER C 109 24.31 -2.55 6.89
N HIS C 110 23.78 -3.64 6.34
CA HIS C 110 23.28 -3.59 4.97
C HIS C 110 22.10 -2.63 4.86
N PHE C 111 21.14 -2.76 5.78
CA PHE C 111 20.04 -1.81 5.79
C PHE C 111 20.57 -0.37 5.87
N GLN C 112 21.53 -0.13 6.76
CA GLN C 112 22.08 1.21 6.92
C GLN C 112 22.59 1.77 5.61
N GLU C 113 23.29 0.94 4.81
CA GLU C 113 23.79 1.44 3.54
C GLU C 113 22.65 1.76 2.58
N VAL C 114 21.66 0.87 2.48
CA VAL C 114 20.55 1.13 1.56
C VAL C 114 19.78 2.36 2.01
N ALA C 115 19.58 2.47 3.33
CA ALA C 115 18.78 3.55 3.89
C ALA C 115 19.39 4.92 3.65
N GLN C 116 20.72 4.98 3.54
CA GLN C 116 21.37 6.26 3.25
C GLN C 116 20.84 6.87 1.96
N LYS C 117 20.57 6.03 0.97
CA LYS C 117 20.11 6.46 -0.34
C LYS C 117 18.58 6.51 -0.45
N PHE C 118 17.86 5.78 0.39
CA PHE C 118 16.41 5.66 0.29
C PHE C 118 15.78 6.14 1.59
N GLN C 119 15.83 7.47 1.80
CA GLN C 119 15.24 8.11 2.97
CA GLN C 119 15.24 8.14 2.95
C GLN C 119 13.73 8.25 2.80
N GLY C 120 13.03 8.25 3.94
CA GLY C 120 11.62 8.63 3.89
C GLY C 120 10.68 7.61 3.29
N VAL C 121 11.04 6.33 3.32
CA VAL C 121 10.16 5.29 2.81
C VAL C 121 9.33 4.87 4.00
N ARG C 122 8.11 5.36 4.09
CA ARG C 122 7.27 4.89 5.17
C ARG C 122 6.13 4.05 4.61
N LEU C 123 5.26 3.64 5.51
CA LEU C 123 4.18 2.72 5.23
CA LEU C 123 4.18 2.73 5.18
C LEU C 123 2.86 3.48 5.23
N LEU C 124 2.13 3.41 4.12
CA LEU C 124 0.79 3.92 4.10
C LEU C 124 -0.13 3.07 4.96
N ARG C 125 -1.19 3.69 5.49
CA ARG C 125 -2.26 3.00 6.20
C ARG C 125 -3.48 3.02 5.28
N GLN C 126 -3.77 1.88 4.66
CA GLN C 126 -4.72 1.84 3.56
C GLN C 126 -6.06 1.30 4.04
N ASP C 127 -7.10 1.65 3.28
CA ASP C 127 -8.40 1.03 3.42
C ASP C 127 -8.28 -0.49 3.28
N PRO C 128 -8.91 -1.27 4.18
CA PRO C 128 -8.76 -2.72 4.08
C PRO C 128 -9.34 -3.32 2.81
N ILE C 129 -10.48 -2.83 2.33
CA ILE C 129 -11.06 -3.41 1.13
C ILE C 129 -10.17 -3.12 -0.09
N GLU C 130 -9.75 -1.86 -0.25
CA GLU C 130 -8.86 -1.53 -1.36
C GLU C 130 -7.57 -2.35 -1.27
N CYS C 131 -7.02 -2.46 -0.07
CA CYS C 131 -5.77 -3.19 0.08
C CYS C 131 -5.94 -4.67 -0.25
N LEU C 132 -6.99 -5.29 0.28
CA LEU C 132 -7.26 -6.71 0.03
C LEU C 132 -7.33 -7.01 -1.46
N PHE C 133 -8.14 -6.24 -2.19
CA PHE C 133 -8.35 -6.63 -3.59
C PHE C 133 -7.16 -6.25 -4.46
N SER C 134 -6.44 -5.17 -4.13
CA SER C 134 -5.22 -4.81 -4.85
C SER C 134 -4.16 -5.89 -4.69
N PHE C 135 -3.99 -6.39 -3.47
CA PHE C 135 -2.96 -7.41 -3.34
C PHE C 135 -3.42 -8.78 -3.79
N ILE C 136 -4.71 -9.09 -3.80
CA ILE C 136 -5.12 -10.27 -4.55
C ILE C 136 -4.66 -10.16 -6.00
N CYS C 137 -4.77 -8.97 -6.59
CA CYS C 137 -4.35 -8.77 -7.97
C CYS C 137 -2.84 -8.87 -8.14
N SER C 138 -2.06 -8.69 -7.07
CA SER C 138 -0.61 -8.55 -7.19
C SER C 138 0.15 -9.88 -7.34
N SER C 139 -0.47 -11.03 -7.09
CA SER C 139 0.30 -12.26 -6.94
C SER C 139 0.84 -12.73 -8.29
N ASN C 140 2.11 -13.14 -8.32
CA ASN C 140 2.68 -13.69 -9.54
C ASN C 140 2.49 -12.73 -10.73
N ASN C 141 2.96 -11.50 -10.54
CA ASN C 141 2.56 -10.37 -11.37
C ASN C 141 3.56 -9.24 -11.11
N ASN C 142 3.55 -8.22 -11.97
CA ASN C 142 4.47 -7.10 -11.89
C ASN C 142 3.70 -5.82 -11.63
N ILE C 143 4.36 -4.86 -10.98
CA ILE C 143 3.66 -3.67 -10.50
C ILE C 143 3.02 -2.89 -11.65
N ALA C 144 3.71 -2.74 -12.80
CA ALA C 144 3.07 -2.04 -13.92
C ALA C 144 1.75 -2.68 -14.31
N ARG C 145 1.74 -4.01 -14.41
CA ARG C 145 0.51 -4.67 -14.83
C ARG C 145 -0.55 -4.60 -13.74
N ILE C 146 -0.17 -4.86 -12.47
CA ILE C 146 -1.08 -4.73 -11.34
C ILE C 146 -1.77 -3.37 -11.36
N THR C 147 -0.97 -2.32 -11.58
CA THR C 147 -1.49 -0.96 -11.57
C THR C 147 -2.60 -0.79 -12.59
N GLY C 148 -2.41 -1.30 -13.80
CA GLY C 148 -3.47 -1.25 -14.80
C GLY C 148 -4.69 -2.06 -14.41
N MET C 149 -4.50 -3.27 -13.86
CA MET C 149 -5.62 -4.11 -13.41
C MET C 149 -6.47 -3.39 -12.38
N VAL C 150 -5.81 -2.75 -11.41
CA VAL C 150 -6.53 -2.03 -10.37
C VAL C 150 -7.27 -0.84 -10.97
N GLU C 151 -6.62 -0.16 -11.92
CA GLU C 151 -7.26 0.99 -12.56
C GLU C 151 -8.53 0.57 -13.28
N ARG C 152 -8.44 -0.48 -14.10
CA ARG C 152 -9.58 -0.93 -14.89
C ARG C 152 -10.67 -1.50 -13.99
N LEU C 153 -10.28 -2.18 -12.90
CA LEU C 153 -11.27 -2.67 -11.93
C LEU C 153 -12.04 -1.50 -11.32
N CYS C 154 -11.34 -0.41 -11.00
CA CYS C 154 -12.04 0.72 -10.44
C CYS C 154 -12.88 1.44 -11.50
N GLN C 155 -12.36 1.55 -12.72
N GLN C 155 -12.36 1.54 -12.73
CA GLN C 155 -13.10 2.21 -13.79
CA GLN C 155 -13.12 2.21 -13.78
C GLN C 155 -14.44 1.50 -14.03
C GLN C 155 -14.43 1.50 -14.07
N ALA C 156 -14.44 0.18 -13.96
CA ALA C 156 -15.60 -0.60 -14.33
C ALA C 156 -16.58 -0.74 -13.19
N PHE C 157 -16.09 -0.87 -11.95
CA PHE C 157 -16.97 -1.20 -10.83
C PHE C 157 -17.04 -0.16 -9.73
N GLY C 158 -16.17 0.84 -9.73
CA GLY C 158 -16.24 1.87 -8.71
C GLY C 158 -16.94 3.14 -9.16
N PRO C 159 -17.42 3.93 -8.20
CA PRO C 159 -18.21 5.12 -8.55
C PRO C 159 -17.36 6.17 -9.24
N ARG C 160 -17.94 6.88 -10.19
CA ARG C 160 -17.23 7.95 -10.85
C ARG C 160 -17.11 9.12 -9.91
N LEU C 161 -15.91 9.70 -9.80
CA LEU C 161 -15.72 10.79 -8.84
C LEU C 161 -15.73 12.15 -9.53
N ILE C 162 -14.67 12.43 -10.31
CA ILE C 162 -14.49 13.70 -11.04
C ILE C 162 -13.54 13.44 -12.20
N GLN C 163 -13.51 14.37 -13.13
CA GLN C 163 -12.55 14.35 -14.20
C GLN C 163 -11.60 15.52 -14.04
N LEU C 164 -10.30 15.22 -14.05
CA LEU C 164 -9.25 16.23 -14.08
C LEU C 164 -8.49 16.06 -15.39
N ASP C 165 -8.45 17.11 -16.20
CA ASP C 165 -7.84 16.97 -17.52
C ASP C 165 -8.50 15.79 -18.23
N ASP C 166 -7.72 14.82 -18.71
CA ASP C 166 -8.16 13.64 -19.43
C ASP C 166 -8.47 12.45 -18.53
N VAL C 167 -8.35 12.58 -17.21
CA VAL C 167 -8.30 11.45 -16.28
C VAL C 167 -9.59 11.44 -15.45
N THR C 168 -10.40 10.41 -15.59
CA THR C 168 -11.63 10.28 -14.82
C THR C 168 -11.34 9.40 -13.61
N TYR C 169 -11.52 9.96 -12.42
CA TYR C 169 -11.18 9.27 -11.19
C TYR C 169 -12.39 8.48 -10.70
N HIS C 170 -12.15 7.28 -10.17
CA HIS C 170 -13.19 6.43 -9.62
C HIS C 170 -12.83 6.02 -8.21
N GLY C 171 -13.85 5.88 -7.36
CA GLY C 171 -13.62 5.26 -6.07
C GLY C 171 -13.33 3.77 -6.22
N PHE C 172 -12.80 3.17 -5.15
CA PHE C 172 -12.62 1.71 -5.16
C PHE C 172 -13.99 1.03 -5.06
N PRO C 173 -14.20 -0.10 -5.74
CA PRO C 173 -15.53 -0.75 -5.70
C PRO C 173 -15.87 -1.29 -4.32
N SER C 174 -17.17 -1.34 -4.06
CA SER C 174 -17.67 -1.99 -2.87
C SER C 174 -17.61 -3.52 -2.99
N LEU C 175 -17.75 -4.18 -1.84
CA LEU C 175 -17.86 -5.64 -1.86
C LEU C 175 -19.00 -6.07 -2.77
N GLN C 176 -20.14 -5.40 -2.64
CA GLN C 176 -21.33 -5.79 -3.37
C GLN C 176 -21.11 -5.68 -4.88
N ALA C 177 -20.43 -4.63 -5.30
CA ALA C 177 -20.11 -4.45 -6.71
C ALA C 177 -19.27 -5.61 -7.27
N LEU C 178 -18.41 -6.23 -6.46
CA LEU C 178 -17.52 -7.28 -6.93
C LEU C 178 -18.07 -8.69 -6.76
N ALA C 179 -19.25 -8.87 -6.18
CA ALA C 179 -19.67 -10.20 -5.76
C ALA C 179 -20.59 -10.95 -6.73
N GLY C 180 -21.25 -10.27 -7.68
CA GLY C 180 -22.22 -10.90 -8.55
C GLY C 180 -21.63 -12.02 -9.40
N PRO C 181 -22.46 -12.98 -9.87
CA PRO C 181 -21.89 -14.14 -10.65
C PRO C 181 -21.35 -13.75 -12.01
N GLU C 182 -21.67 -12.55 -12.48
CA GLU C 182 -21.24 -11.98 -13.76
C GLU C 182 -19.88 -11.27 -13.66
N VAL C 183 -19.42 -11.00 -12.45
CA VAL C 183 -18.25 -10.14 -12.27
C VAL C 183 -16.98 -10.85 -12.74
N GLU C 184 -16.88 -12.17 -12.49
CA GLU C 184 -15.66 -12.86 -12.90
C GLU C 184 -15.42 -12.70 -14.40
N ALA C 185 -16.42 -13.01 -15.22
CA ALA C 185 -16.21 -12.94 -16.66
C ALA C 185 -15.85 -11.53 -17.08
N HIS C 186 -16.45 -10.53 -16.43
CA HIS C 186 -16.12 -9.14 -16.74
C HIS C 186 -14.67 -8.83 -16.38
N LEU C 187 -14.24 -9.26 -15.18
CA LEU C 187 -12.85 -9.06 -14.80
C LEU C 187 -11.89 -9.82 -15.74
N ARG C 188 -12.32 -10.94 -16.35
CA ARG C 188 -11.45 -11.60 -17.31
CA ARG C 188 -11.44 -11.60 -17.32
C ARG C 188 -11.30 -10.77 -18.59
N LYS C 189 -12.37 -10.12 -19.02
CA LYS C 189 -12.23 -9.25 -20.19
C LYS C 189 -11.32 -8.07 -19.88
N LEU C 190 -11.28 -7.66 -18.62
CA LEU C 190 -10.40 -6.58 -18.18
C LEU C 190 -8.97 -7.04 -17.94
N GLY C 191 -8.65 -8.29 -18.28
CA GLY C 191 -7.28 -8.77 -18.23
C GLY C 191 -6.75 -9.19 -16.88
N LEU C 192 -7.61 -9.49 -15.92
CA LEU C 192 -7.06 -9.89 -14.62
C LEU C 192 -6.58 -11.33 -14.60
N GLY C 193 -6.77 -12.09 -15.69
CA GLY C 193 -6.39 -13.49 -15.72
C GLY C 193 -7.08 -14.31 -14.65
N TYR C 194 -6.36 -15.31 -14.14
CA TYR C 194 -7.00 -16.21 -13.19
C TYR C 194 -7.36 -15.54 -11.86
N ARG C 195 -6.83 -14.36 -11.59
CA ARG C 195 -7.23 -13.62 -10.39
C ARG C 195 -8.63 -13.04 -10.51
N ALA C 196 -9.22 -13.00 -11.70
CA ALA C 196 -10.62 -12.61 -11.84
C ALA C 196 -11.53 -13.40 -10.90
N ARG C 197 -11.35 -14.72 -10.87
CA ARG C 197 -12.16 -15.55 -9.98
C ARG C 197 -11.82 -15.29 -8.53
N TYR C 198 -10.55 -15.03 -8.22
CA TYR C 198 -10.18 -14.75 -6.83
C TYR C 198 -10.88 -13.49 -6.30
N VAL C 199 -10.95 -12.44 -7.12
CA VAL C 199 -11.55 -11.20 -6.64
C VAL C 199 -13.03 -11.42 -6.37
N SER C 200 -13.74 -11.95 -7.36
CA SER C 200 -15.18 -12.11 -7.17
C SER C 200 -15.49 -13.10 -6.04
N ALA C 201 -14.77 -14.23 -6.02
CA ALA C 201 -14.99 -15.23 -4.98
C ALA C 201 -14.68 -14.67 -3.59
N SER C 202 -13.66 -13.81 -3.47
CA SER C 202 -13.33 -13.27 -2.15
C SER C 202 -14.38 -12.25 -1.70
N ALA C 203 -14.89 -11.44 -2.64
CA ALA C 203 -15.97 -10.54 -2.28
C ALA C 203 -17.17 -11.32 -1.77
N ARG C 204 -17.52 -12.42 -2.48
CA ARG C 204 -18.67 -13.22 -2.09
C ARG C 204 -18.44 -13.86 -0.73
N ALA C 205 -17.21 -14.33 -0.50
CA ALA C 205 -16.93 -15.00 0.76
C ALA C 205 -17.09 -14.03 1.92
N ILE C 206 -16.61 -12.81 1.77
CA ILE C 206 -16.72 -11.88 2.88
C ILE C 206 -18.19 -11.58 3.18
N LEU C 207 -18.98 -11.31 2.15
CA LEU C 207 -20.39 -10.97 2.31
C LEU C 207 -21.21 -12.16 2.80
N GLU C 208 -20.96 -13.36 2.27
CA GLU C 208 -21.81 -14.51 2.52
C GLU C 208 -21.33 -15.33 3.70
N GLU C 209 -20.04 -15.30 4.02
CA GLU C 209 -19.50 -16.25 4.97
C GLU C 209 -18.81 -15.63 6.17
N GLN C 210 -18.43 -14.36 6.11
CA GLN C 210 -17.63 -13.79 7.19
C GLN C 210 -18.34 -12.64 7.90
N GLY C 211 -19.61 -12.36 7.57
CA GLY C 211 -20.33 -11.32 8.26
C GLY C 211 -20.19 -9.95 7.65
N GLY C 212 -19.71 -9.87 6.41
CA GLY C 212 -19.68 -8.59 5.74
C GLY C 212 -18.48 -7.72 6.11
N LEU C 213 -18.66 -6.42 5.84
CA LEU C 213 -17.59 -5.46 5.94
C LEU C 213 -16.98 -5.39 7.35
N ALA C 214 -17.77 -5.65 8.39
CA ALA C 214 -17.26 -5.60 9.76
C ALA C 214 -16.14 -6.60 10.00
N TRP C 215 -16.05 -7.66 9.21
CA TRP C 215 -14.99 -8.62 9.43
C TRP C 215 -13.61 -7.96 9.34
N LEU C 216 -13.44 -6.96 8.46
CA LEU C 216 -12.11 -6.38 8.30
C LEU C 216 -11.75 -5.53 9.52
N GLN C 217 -12.73 -4.85 10.10
CA GLN C 217 -12.48 -4.15 11.35
C GLN C 217 -12.16 -5.15 12.47
N GLN C 218 -12.87 -6.27 12.51
CA GLN C 218 -12.54 -7.33 13.46
C GLN C 218 -11.07 -7.73 13.32
N LEU C 219 -10.59 -7.89 12.09
CA LEU C 219 -9.20 -8.32 11.91
C LEU C 219 -8.22 -7.20 12.30
N ARG C 220 -8.59 -5.95 12.07
CA ARG C 220 -7.77 -4.82 12.49
C ARG C 220 -7.57 -4.83 14.00
N GLU C 221 -8.62 -5.24 14.74
CA GLU C 221 -8.55 -5.32 16.19
C GLU C 221 -7.97 -6.64 16.68
N SER C 222 -7.75 -7.60 15.80
CA SER C 222 -7.24 -8.90 16.22
C SER C 222 -5.72 -8.89 16.25
N SER C 223 -5.14 -9.94 16.83
CA SER C 223 -3.69 -10.06 16.77
C SER C 223 -3.20 -10.30 15.33
N TYR C 224 -1.92 -10.01 15.11
CA TYR C 224 -1.28 -10.36 13.83
C TYR C 224 -1.56 -11.81 13.43
N GLU C 225 -1.27 -12.75 14.35
CA GLU C 225 -1.43 -14.16 14.08
C GLU C 225 -2.87 -14.48 13.70
N GLU C 226 -3.86 -13.93 14.43
CA GLU C 226 -5.27 -14.20 14.15
CA GLU C 226 -5.26 -14.23 14.13
C GLU C 226 -5.70 -13.61 12.81
N ALA C 227 -5.30 -12.36 12.55
CA ALA C 227 -5.67 -11.71 11.29
C ALA C 227 -5.05 -12.41 10.10
N HIS C 228 -3.78 -12.81 10.23
CA HIS C 228 -3.09 -13.41 9.12
C HIS C 228 -3.74 -14.74 8.75
N LYS C 229 -4.08 -15.52 9.76
CA LYS C 229 -4.70 -16.82 9.53
C LYS C 229 -6.07 -16.65 8.90
N ALA C 230 -6.85 -15.69 9.39
CA ALA C 230 -8.21 -15.53 8.91
C ALA C 230 -8.23 -15.13 7.43
N LEU C 231 -7.35 -14.23 7.02
CA LEU C 231 -7.33 -13.79 5.64
C LEU C 231 -7.08 -14.95 4.70
N CYS C 232 -6.31 -15.95 5.11
CA CYS C 232 -5.94 -17.01 4.18
C CYS C 232 -7.14 -17.86 3.73
N ILE C 233 -8.28 -17.72 4.40
CA ILE C 233 -9.49 -18.42 3.95
C ILE C 233 -9.92 -17.95 2.57
N LEU C 234 -9.52 -16.73 2.18
CA LEU C 234 -10.03 -16.11 0.95
C LEU C 234 -9.31 -16.68 -0.27
N PRO C 235 -10.05 -16.95 -1.34
CA PRO C 235 -9.42 -17.42 -2.59
C PRO C 235 -8.50 -16.34 -3.17
N GLY C 236 -7.26 -16.74 -3.45
CA GLY C 236 -6.25 -15.84 -3.95
C GLY C 236 -5.38 -15.24 -2.87
N VAL C 237 -5.72 -15.44 -1.60
CA VAL C 237 -4.94 -14.92 -0.48
C VAL C 237 -4.18 -16.08 0.13
N GLY C 238 -2.86 -16.09 -0.04
CA GLY C 238 -1.99 -16.98 0.67
C GLY C 238 -1.23 -16.20 1.72
N THR C 239 -0.16 -16.83 2.22
N THR C 239 -0.17 -16.83 2.25
CA THR C 239 0.54 -16.25 3.37
CA THR C 239 0.49 -16.20 3.38
C THR C 239 1.14 -14.90 3.02
C THR C 239 1.14 -14.87 3.02
N HIS C 240 1.63 -14.71 1.79
CA HIS C 240 2.24 -13.44 1.39
C HIS C 240 1.21 -12.34 1.22
N VAL C 241 0.14 -12.60 0.45
CA VAL C 241 -0.90 -11.58 0.30
C VAL C 241 -1.50 -11.23 1.65
N ALA C 242 -1.73 -12.24 2.51
CA ALA C 242 -2.23 -11.95 3.84
C ALA C 242 -1.27 -11.04 4.61
N ASP C 243 0.03 -11.31 4.53
CA ASP C 243 1.00 -10.42 5.18
C ASP C 243 0.97 -9.01 4.60
N CYS C 244 0.81 -8.88 3.28
CA CYS C 244 0.68 -7.54 2.70
C CYS C 244 -0.49 -6.82 3.34
N ILE C 245 -1.63 -7.47 3.45
CA ILE C 245 -2.81 -6.81 3.98
C ILE C 245 -2.64 -6.50 5.46
N CYS C 246 -2.08 -7.44 6.23
CA CYS C 246 -1.83 -7.20 7.66
C CYS C 246 -0.98 -5.96 7.86
N LEU C 247 0.13 -5.88 7.13
CA LEU C 247 1.09 -4.79 7.29
C LEU C 247 0.51 -3.46 6.85
N MET C 248 -0.20 -3.44 5.71
CA MET C 248 -0.52 -2.20 5.03
CA MET C 248 -0.52 -2.18 5.04
C MET C 248 -1.93 -1.71 5.27
N ALA C 249 -2.79 -2.54 5.84
CA ALA C 249 -4.15 -2.11 6.14
C ALA C 249 -4.65 -2.53 7.51
N LEU C 250 -4.10 -3.57 8.14
CA LEU C 250 -4.64 -4.06 9.42
C LEU C 250 -3.73 -3.72 10.60
N ASP C 251 -2.80 -2.77 10.43
CA ASP C 251 -2.00 -2.21 11.54
C ASP C 251 -1.16 -3.27 12.25
N LYS C 252 -0.52 -4.15 11.48
CA LYS C 252 0.36 -5.20 12.00
C LYS C 252 1.77 -4.86 11.51
N PRO C 253 2.53 -4.03 12.25
CA PRO C 253 3.83 -3.57 11.72
C PRO C 253 4.87 -4.66 11.63
N GLN C 254 4.69 -5.80 12.32
CA GLN C 254 5.65 -6.89 12.27
C GLN C 254 5.40 -7.83 11.10
N ALA C 255 4.27 -7.70 10.39
CA ALA C 255 4.01 -8.55 9.22
C ALA C 255 5.05 -8.29 8.13
N VAL C 256 5.65 -9.34 7.59
CA VAL C 256 6.71 -9.22 6.59
C VAL C 256 6.29 -9.96 5.33
N PRO C 257 5.80 -9.26 4.34
CA PRO C 257 5.59 -9.90 3.03
C PRO C 257 6.87 -10.55 2.51
N VAL C 258 6.73 -11.72 1.90
CA VAL C 258 7.86 -12.43 1.32
C VAL C 258 7.48 -12.80 -0.10
N ASP C 259 7.88 -11.97 -1.06
CA ASP C 259 7.67 -12.16 -2.49
C ASP C 259 9.00 -12.55 -3.13
N VAL C 260 9.05 -12.45 -4.47
CA VAL C 260 10.28 -12.77 -5.18
C VAL C 260 11.41 -11.82 -4.76
N HIS C 261 11.06 -10.54 -4.54
CA HIS C 261 12.08 -9.55 -4.17
C HIS C 261 12.67 -9.88 -2.80
N MET C 262 11.82 -10.11 -1.80
CA MET C 262 12.37 -10.32 -0.46
C MET C 262 13.20 -11.61 -0.44
N TRP C 263 12.80 -12.61 -1.22
CA TRP C 263 13.57 -13.85 -1.27
C TRP C 263 14.94 -13.62 -1.91
N HIS C 264 14.98 -12.89 -3.03
CA HIS C 264 16.26 -12.52 -3.61
C HIS C 264 17.09 -11.68 -2.66
N ILE C 265 16.46 -10.72 -1.98
CA ILE C 265 17.19 -9.91 -1.03
C ILE C 265 17.81 -10.80 0.05
N ALA C 266 17.02 -11.71 0.60
CA ALA C 266 17.57 -12.53 1.66
C ALA C 266 18.78 -13.34 1.18
N GLN C 267 18.70 -13.89 -0.03
CA GLN C 267 19.81 -14.72 -0.51
C GLN C 267 21.00 -13.86 -0.91
N ARG C 268 20.74 -12.76 -1.60
CA ARG C 268 21.83 -11.96 -2.16
C ARG C 268 22.46 -11.04 -1.12
N ASP C 269 21.63 -10.38 -0.31
CA ASP C 269 22.12 -9.31 0.55
C ASP C 269 22.39 -9.78 1.96
N TYR C 270 21.81 -10.92 2.34
CA TYR C 270 22.05 -11.49 3.66
C TYR C 270 22.70 -12.86 3.62
N SER C 271 22.89 -13.46 2.44
CA SER C 271 23.44 -14.82 2.33
C SER C 271 22.62 -15.80 3.19
N TRP C 272 21.32 -15.57 3.27
CA TRP C 272 20.46 -16.36 4.14
C TRP C 272 20.09 -17.67 3.47
N HIS C 273 20.05 -18.74 4.24
CA HIS C 273 19.41 -19.98 3.82
C HIS C 273 18.56 -20.47 4.97
N PRO C 274 17.47 -21.17 4.67
CA PRO C 274 16.63 -21.75 5.72
C PRO C 274 17.38 -22.80 6.52
N THR C 275 17.11 -22.86 7.82
CA THR C 275 17.67 -23.90 8.67
C THR C 275 16.61 -24.79 9.27
N THR C 276 15.33 -24.57 8.94
CA THR C 276 14.27 -25.47 9.37
C THR C 276 13.79 -26.40 8.26
N SER C 277 14.51 -26.44 7.14
CA SER C 277 14.17 -27.27 6.00
C SER C 277 15.47 -27.67 5.31
N GLN C 278 15.60 -28.95 4.95
CA GLN C 278 16.81 -29.35 4.22
C GLN C 278 16.79 -28.78 2.82
N ALA C 279 15.66 -28.84 2.14
CA ALA C 279 15.49 -28.17 0.85
C ALA C 279 15.41 -26.67 1.09
N LYS C 280 16.12 -25.90 0.26
CA LYS C 280 16.31 -24.49 0.57
C LYS C 280 15.49 -23.56 -0.30
N GLY C 281 14.79 -24.06 -1.33
CA GLY C 281 14.03 -23.22 -2.23
C GLY C 281 12.76 -22.71 -1.56
N PRO C 282 12.08 -21.76 -2.22
CA PRO C 282 10.83 -21.25 -1.66
C PRO C 282 9.84 -22.39 -1.42
N SER C 283 9.22 -22.38 -0.25
CA SER C 283 8.17 -23.32 0.10
C SER C 283 7.38 -22.71 1.24
N PRO C 284 6.23 -23.30 1.61
CA PRO C 284 5.52 -22.76 2.78
C PRO C 284 6.40 -22.71 4.02
N GLN C 285 7.18 -23.75 4.30
CA GLN C 285 8.06 -23.74 5.46
C GLN C 285 9.17 -22.70 5.32
N THR C 286 9.83 -22.61 4.15
CA THR C 286 10.96 -21.67 4.06
C THR C 286 10.50 -20.23 3.99
N ASN C 287 9.38 -19.95 3.31
CA ASN C 287 8.83 -18.61 3.31
C ASN C 287 8.42 -18.18 4.72
N LYS C 288 7.87 -19.11 5.51
CA LYS C 288 7.54 -18.78 6.88
C LYS C 288 8.79 -18.47 7.69
N GLU C 289 9.84 -19.29 7.56
CA GLU C 289 11.08 -19.02 8.27
C GLU C 289 11.68 -17.68 7.89
N LEU C 290 11.57 -17.29 6.61
CA LEU C 290 12.19 -16.04 6.19
C LEU C 290 11.49 -14.85 6.83
N GLY C 291 10.16 -14.86 6.89
CA GLY C 291 9.47 -13.81 7.62
C GLY C 291 9.92 -13.76 9.08
N ASN C 292 10.09 -14.92 9.70
CA ASN C 292 10.54 -14.91 11.09
C ASN C 292 11.96 -14.39 11.20
N PHE C 293 12.81 -14.72 10.24
CA PHE C 293 14.17 -14.19 10.22
C PHE C 293 14.17 -12.67 10.21
N PHE C 294 13.34 -12.06 9.34
CA PHE C 294 13.36 -10.61 9.25
C PHE C 294 12.78 -9.96 10.51
N ARG C 295 11.79 -10.60 11.15
CA ARG C 295 11.28 -10.07 12.41
C ARG C 295 12.35 -10.16 13.50
N SER C 296 13.10 -11.26 13.53
CA SER C 296 14.15 -11.39 14.53
C SER C 296 15.23 -10.35 14.31
N LEU C 297 15.53 -10.06 13.05
CA LEU C 297 16.58 -9.09 12.76
C LEU C 297 16.13 -7.67 13.09
N TRP C 298 14.96 -7.26 12.58
CA TRP C 298 14.59 -5.85 12.59
C TRP C 298 13.69 -5.44 13.75
N GLY C 299 12.95 -6.37 14.35
CA GLY C 299 12.15 -6.03 15.50
C GLY C 299 10.68 -5.86 15.16
N PRO C 300 9.96 -5.18 16.05
CA PRO C 300 8.48 -5.08 15.95
C PRO C 300 7.94 -4.37 14.74
N TYR C 301 8.74 -3.52 14.10
CA TYR C 301 8.30 -2.84 12.89
C TYR C 301 9.02 -3.43 11.69
N ALA C 302 9.30 -4.74 11.73
CA ALA C 302 10.04 -5.37 10.63
C ALA C 302 9.37 -5.19 9.28
N GLY C 303 8.03 -5.13 9.23
CA GLY C 303 7.37 -4.96 7.95
C GLY C 303 7.64 -3.60 7.35
N TRP C 304 7.84 -2.59 8.20
CA TRP C 304 8.22 -1.26 7.73
C TRP C 304 9.64 -1.26 7.18
N ALA C 305 10.55 -1.98 7.83
CA ALA C 305 11.88 -2.11 7.26
C ALA C 305 11.83 -2.81 5.91
N GLN C 306 11.03 -3.87 5.80
CA GLN C 306 10.81 -4.55 4.54
C GLN C 306 10.40 -3.57 3.45
N ALA C 307 9.57 -2.58 3.81
CA ALA C 307 9.09 -1.66 2.79
C ALA C 307 10.22 -0.81 2.23
N VAL C 308 11.17 -0.43 3.09
CA VAL C 308 12.34 0.31 2.66
C VAL C 308 13.15 -0.52 1.65
N LEU C 309 13.49 -1.76 2.01
CA LEU C 309 14.32 -2.56 1.11
C LEU C 309 13.57 -2.94 -0.13
N PHE C 310 12.26 -3.17 -0.03
CA PHE C 310 11.48 -3.47 -1.22
C PHE C 310 11.51 -2.28 -2.17
N SER C 311 11.23 -1.09 -1.67
CA SER C 311 11.20 0.07 -2.54
C SER C 311 12.53 0.27 -3.23
N ALA C 312 13.63 0.04 -2.49
CA ALA C 312 14.98 0.17 -3.01
C ALA C 312 15.27 -0.86 -4.08
N ASP C 313 14.83 -2.11 -3.86
CA ASP C 313 15.09 -3.18 -4.81
C ASP C 313 14.33 -2.99 -6.12
N LEU C 314 13.18 -2.32 -6.10
CA LEU C 314 12.53 -1.99 -7.38
C LEU C 314 13.42 -1.15 -8.29
N ARG C 315 14.38 -0.42 -7.72
CA ARG C 315 15.31 0.46 -8.46
C ARG C 315 16.68 -0.17 -8.63
N GLN C 316 16.74 -1.48 -8.90
CA GLN C 316 18.01 -2.16 -9.10
C GLN C 316 17.77 -3.47 -9.85
#